data_5BNJ
#
_entry.id   5BNJ
#
_cell.length_a   70.787
_cell.length_b   71.489
_cell.length_c   172.532
_cell.angle_alpha   90.000
_cell.angle_beta   90.000
_cell.angle_gamma   90.000
#
_symmetry.space_group_name_H-M   'P 21 21 21'
#
loop_
_entity.id
_entity.type
_entity.pdbx_description
1 polymer 'Cyclin-dependent kinase 8'
2 polymer Cyclin-C
3 non-polymer 8-{3-chloro-5-[4-(1-methyl-1H-pyrazol-4-yl)phenyl]pyridin-4-yl}-2,8-diazaspiro[4.5]decan-1-one
4 non-polymer 'FORMIC ACID'
5 water water
#
loop_
_entity_poly.entity_id
_entity_poly.type
_entity_poly.pdbx_seq_one_letter_code
_entity_poly.pdbx_strand_id
1 'polypeptide(L)'
;DKMDYDFKVKLSSERERVEDLFEYEGCKVGRGTYGHVYKAKRKDGKDDKDYALKQIEGTGISMSACREIALLRELKHPNV
ISLQKVFLSHADRKVWLLFDYAEHDLWHIIKFHRASKANKKPVQLPRGMVKSLLYQILDGIHYLHANWVLHRDLKPANIL
VMGEGPERGRVKIADMGFARLFNSPLKPLADLDPVVVTFWYRAPELLLGARHYTKAIDIWAIGCIFAELLTSEPIFHCRQ
EDIKTSNPYHHDQLDRIFNVMGFPADKDWEDIKKMPEHSTLMKDFRRNTYTNCSLIKYMEKHKVKPDSKAFHLLQKLLTM
DPIKRITSEQAMQDPYFLEDPLPTSDVFAGCQIPYPKREFLTEEEPDDKGDKKNQQQQQGNNHTNGTGHPGNQDSSHTQG
PPLKK
;
A
2 'polypeptide(L)'
;KAMAGNFWQSSHYLQWILDKQDLLKERQKDLKFLSEEEYWKLQIFFTNVIQALGEHLKLRQQVIATATVYFKRFYARYSL
KSIDPVLMAPTCVFLASKVEEFGVVSNTRLIAAATSVLKTRFSYAFPKEFPYRMNHILECEFYLLELMDCCLIVYHPYRP
LLQYVQDMGQEDMLLPLAWRIVNDTYRTDLCLLYPPFMIALACLHVACVVQQKDARQWFAELSVDMEKILEIIRVILKLY
EQWKNFDERKEMATILSKMPKPKPPPNSEGEQGPNGSQNSSYSQS
;
B
#
loop_
_chem_comp.id
_chem_comp.type
_chem_comp.name
_chem_comp.formula
4TV non-polymer 8-{3-chloro-5-[4-(1-methyl-1H-pyrazol-4-yl)phenyl]pyridin-4-yl}-2,8-diazaspiro[4.5]decan-1-one 'C23 H24 Cl N5 O'
FMT non-polymer 'FORMIC ACID' 'C H2 O2'
#
# COMPACT_ATOMS: atom_id res chain seq x y z
N ASP A 1 28.78 4.65 17.97
CA ASP A 1 28.78 3.55 18.99
C ASP A 1 28.66 2.17 18.32
N LYS A 2 27.46 1.84 17.87
CA LYS A 2 27.13 0.51 17.33
C LYS A 2 27.54 0.33 15.86
N MET A 3 27.47 1.42 15.10
CA MET A 3 27.49 1.42 13.64
C MET A 3 28.84 1.85 13.10
N ASP A 4 29.09 1.56 11.83
CA ASP A 4 30.34 1.99 11.17
C ASP A 4 30.34 3.51 10.95
N TYR A 5 31.44 4.15 11.37
CA TYR A 5 31.54 5.61 11.34
C TYR A 5 31.61 6.17 9.91
N ASP A 6 32.41 5.55 9.06
CA ASP A 6 32.59 6.00 7.65
C ASP A 6 31.29 5.94 6.88
N PHE A 7 30.61 4.80 6.99
CA PHE A 7 29.25 4.61 6.49
C PHE A 7 28.27 5.68 7.00
N LYS A 8 28.32 5.95 8.30
CA LYS A 8 27.41 6.91 8.94
C LYS A 8 27.61 8.32 8.39
N VAL A 9 28.84 8.81 8.41
CA VAL A 9 29.15 10.17 7.94
C VAL A 9 29.05 10.35 6.43
N LYS A 10 29.29 9.29 5.66
CA LYS A 10 29.10 9.34 4.21
C LYS A 10 27.63 9.58 3.87
N LEU A 11 26.72 8.85 4.52
CA LEU A 11 25.28 9.02 4.30
C LEU A 11 24.77 10.38 4.78
N SER A 12 25.30 10.86 5.90
CA SER A 12 24.94 12.16 6.43
C SER A 12 25.29 13.29 5.46
N SER A 13 26.45 13.18 4.83
CA SER A 13 26.89 14.15 3.81
C SER A 13 26.03 14.12 2.54
N GLU A 14 25.63 12.92 2.12
CA GLU A 14 24.85 12.71 0.89
C GLU A 14 23.35 12.93 1.06
N ARG A 15 22.84 12.79 2.29
CA ARG A 15 21.39 12.82 2.54
C ARG A 15 20.77 14.17 2.15
N GLU A 16 19.74 14.12 1.31
CA GLU A 16 18.98 15.30 0.93
C GLU A 16 18.06 15.70 2.09
N ARG A 17 18.15 16.96 2.51
CA ARG A 17 17.31 17.50 3.58
C ARG A 17 16.25 18.41 2.98
N VAL A 18 15.03 18.28 3.48
CA VAL A 18 13.88 19.05 2.98
C VAL A 18 14.08 20.57 3.07
N GLU A 19 14.67 21.03 4.18
CA GLU A 19 14.93 22.46 4.40
C GLU A 19 15.88 23.09 3.36
N ASP A 20 16.87 22.31 2.90
CA ASP A 20 17.85 22.78 1.91
C ASP A 20 17.31 22.76 0.48
N LEU A 21 16.47 21.77 0.15
CA LEU A 21 15.96 21.61 -1.22
C LEU A 21 14.65 22.36 -1.52
N PHE A 22 13.89 22.72 -0.50
CA PHE A 22 12.56 23.32 -0.70
C PHE A 22 12.31 24.55 0.16
N GLU A 23 11.65 25.55 -0.41
CA GLU A 23 11.23 26.76 0.29
C GLU A 23 9.77 26.56 0.67
N TYR A 24 9.47 26.64 1.96
CA TYR A 24 8.10 26.42 2.46
C TYR A 24 7.69 27.15 3.76
N GLU A 25 8.57 28.00 4.32
CA GLU A 25 8.25 28.66 5.60
C GLU A 25 7.15 29.71 5.41
N GLY A 26 6.11 29.63 6.24
CA GLY A 26 4.93 30.46 6.08
C GLY A 26 4.09 30.15 4.86
N CYS A 27 4.27 28.95 4.28
CA CYS A 27 3.46 28.47 3.15
C CYS A 27 2.55 27.31 3.56
N LYS A 28 2.22 27.20 4.84
CA LYS A 28 1.36 26.11 5.33
C LYS A 28 -0.06 26.31 4.80
N VAL A 29 -0.57 25.32 4.07
CA VAL A 29 -1.93 25.36 3.49
C VAL A 29 -2.96 24.49 4.22
N GLY A 30 -2.50 23.49 4.97
CA GLY A 30 -3.38 22.61 5.73
C GLY A 30 -2.75 22.02 6.97
N ARG A 31 -3.58 21.84 8.00
CA ARG A 31 -3.20 21.15 9.24
C ARG A 31 -4.36 20.26 9.67
N GLY A 32 -4.07 18.99 9.94
CA GLY A 32 -5.09 18.04 10.41
C GLY A 32 -4.45 16.90 11.18
N THR A 33 -5.13 15.76 11.20
CA THR A 33 -4.63 14.56 11.88
C THR A 33 -3.45 13.99 11.10
N TYR A 34 -3.57 13.98 9.77
CA TYR A 34 -2.50 13.59 8.84
C TYR A 34 -1.15 14.26 9.12
N GLY A 35 -1.18 15.52 9.55
CA GLY A 35 0.01 16.30 9.89
C GLY A 35 -0.09 17.73 9.41
N HIS A 36 1.01 18.25 8.86
CA HIS A 36 1.11 19.62 8.35
C HIS A 36 1.48 19.57 6.88
N VAL A 37 0.66 20.16 6.01
CA VAL A 37 0.96 20.23 4.57
C VAL A 37 1.25 21.66 4.12
N TYR A 38 2.27 21.82 3.27
CA TYR A 38 2.75 23.13 2.77
C TYR A 38 2.75 23.19 1.25
N LYS A 39 2.53 24.39 0.71
CA LYS A 39 2.72 24.68 -0.71
C LYS A 39 4.17 25.07 -0.91
N ALA A 40 4.97 24.17 -1.48
CA ALA A 40 6.43 24.32 -1.55
C ALA A 40 6.94 24.57 -2.97
N LYS A 41 8.12 25.20 -3.05
CA LYS A 41 8.84 25.42 -4.31
C LYS A 41 10.31 25.07 -4.10
N ARG A 42 10.97 24.64 -5.17
CA ARG A 42 12.40 24.28 -5.12
C ARG A 42 13.29 25.51 -4.97
N LYS A 43 14.24 25.45 -4.03
CA LYS A 43 15.21 26.54 -3.81
C LYS A 43 16.19 26.67 -4.99
N ASP A 44 16.73 25.54 -5.43
CA ASP A 44 17.49 25.45 -6.69
C ASP A 44 16.50 25.28 -7.84
N GLY A 45 16.06 26.40 -8.41
CA GLY A 45 14.91 26.44 -9.32
C GLY A 45 15.11 25.77 -10.68
N LYS A 46 14.86 24.47 -10.73
CA LYS A 46 14.87 23.69 -11.98
C LYS A 46 13.44 23.54 -12.52
N ASP A 47 12.54 22.99 -11.70
CA ASP A 47 11.15 22.76 -12.08
C ASP A 47 10.35 24.07 -12.13
N ASP A 48 10.45 24.84 -11.05
CA ASP A 48 9.73 26.12 -10.91
C ASP A 48 8.21 25.97 -10.89
N LYS A 49 7.71 24.88 -10.29
CA LYS A 49 6.28 24.66 -10.06
C LYS A 49 5.99 24.24 -8.62
N ASP A 50 4.72 24.34 -8.23
CA ASP A 50 4.28 24.11 -6.85
C ASP A 50 4.26 22.62 -6.50
N TYR A 51 4.64 22.30 -5.26
CA TYR A 51 4.59 20.94 -4.73
C TYR A 51 3.86 20.94 -3.38
N ALA A 52 3.12 19.87 -3.11
CA ALA A 52 2.52 19.66 -1.79
C ALA A 52 3.51 18.89 -0.91
N LEU A 53 3.97 19.54 0.16
CA LEU A 53 4.97 18.99 1.07
C LEU A 53 4.32 18.70 2.42
N LYS A 54 4.30 17.42 2.80
CA LYS A 54 3.58 16.93 3.97
C LYS A 54 4.52 16.32 5.02
N GLN A 55 4.55 16.91 6.22
CA GLN A 55 5.22 16.31 7.36
C GLN A 55 4.19 15.50 8.14
N ILE A 56 4.44 14.20 8.27
CA ILE A 56 3.48 13.29 8.91
C ILE A 56 3.42 13.60 10.42
N GLU A 57 2.23 13.45 10.99
CA GLU A 57 2.01 13.68 12.43
C GLU A 57 2.71 12.60 13.25
N GLY A 58 3.32 13.02 14.36
CA GLY A 58 4.03 12.12 15.25
C GLY A 58 5.44 11.81 14.79
N THR A 59 6.09 10.94 15.55
CA THR A 59 7.48 10.55 15.35
C THR A 59 7.55 9.15 14.73
N GLY A 60 8.65 8.87 14.04
CA GLY A 60 8.96 7.53 13.56
C GLY A 60 8.12 7.09 12.39
N ILE A 61 7.99 5.78 12.23
CA ILE A 61 7.21 5.17 11.17
C ILE A 61 6.08 4.39 11.83
N SER A 62 4.88 4.98 11.87
CA SER A 62 3.68 4.27 12.31
C SER A 62 3.21 3.30 11.22
N MET A 63 2.30 2.41 11.58
CA MET A 63 1.70 1.47 10.63
C MET A 63 0.97 2.22 9.50
N SER A 64 0.22 3.25 9.88
CA SER A 64 -0.47 4.14 8.94
C SER A 64 0.49 4.83 7.96
N ALA A 65 1.62 5.32 8.47
CA ALA A 65 2.66 5.93 7.66
C ALA A 65 3.38 4.90 6.77
N CYS A 66 3.62 3.73 7.33
CA CYS A 66 4.34 2.65 6.64
C CYS A 66 3.58 2.13 5.43
N ARG A 67 2.27 1.91 5.58
CA ARG A 67 1.41 1.46 4.47
C ARG A 67 1.15 2.54 3.43
N GLU A 68 1.00 3.79 3.87
CA GLU A 68 0.84 4.93 2.95
C GLU A 68 2.03 5.03 2.00
N ILE A 69 3.23 5.01 2.55
CA ILE A 69 4.47 5.01 1.77
C ILE A 69 4.55 3.76 0.88
N ALA A 70 4.24 2.60 1.45
CA ALA A 70 4.29 1.32 0.72
C ALA A 70 3.44 1.31 -0.55
N LEU A 71 2.18 1.72 -0.43
CA LEU A 71 1.24 1.69 -1.57
C LEU A 71 1.51 2.81 -2.59
N LEU A 72 1.65 4.05 -2.11
CA LEU A 72 1.90 5.22 -2.99
C LEU A 72 3.15 5.06 -3.87
N ARG A 73 4.15 4.37 -3.32
CA ARG A 73 5.38 4.07 -4.02
C ARG A 73 5.18 3.11 -5.21
N GLU A 74 4.13 2.30 -5.19
CA GLU A 74 3.78 1.39 -6.29
C GLU A 74 2.73 1.97 -7.25
N LEU A 75 1.76 2.70 -6.71
CA LEU A 75 0.62 3.18 -7.48
C LEU A 75 1.01 4.32 -8.44
N LYS A 76 0.61 4.18 -9.70
CA LYS A 76 0.83 5.20 -10.74
C LYS A 76 -0.36 5.23 -11.70
N HIS A 77 -1.10 6.35 -11.67
CA HIS A 77 -2.28 6.55 -12.54
C HIS A 77 -2.59 8.04 -12.55
N PRO A 78 -2.93 8.62 -13.74
CA PRO A 78 -3.15 10.08 -13.82
C PRO A 78 -4.17 10.65 -12.82
N ASN A 79 -5.21 9.86 -12.51
CA ASN A 79 -6.26 10.27 -11.57
C ASN A 79 -6.04 9.86 -10.11
N VAL A 80 -4.80 9.55 -9.73
CA VAL A 80 -4.42 9.29 -8.34
C VAL A 80 -3.17 10.11 -8.05
N ILE A 81 -3.14 10.73 -6.88
CA ILE A 81 -2.02 11.58 -6.47
C ILE A 81 -0.72 10.77 -6.40
N SER A 82 0.36 11.35 -6.93
CA SER A 82 1.66 10.66 -7.03
C SER A 82 2.62 11.12 -5.93
N LEU A 83 3.11 10.15 -5.15
CA LEU A 83 4.22 10.40 -4.23
C LEU A 83 5.50 10.58 -5.04
N GLN A 84 6.05 11.80 -5.04
CA GLN A 84 7.26 12.14 -5.79
C GLN A 84 8.54 11.74 -5.06
N LYS A 85 8.61 12.07 -3.77
CA LYS A 85 9.81 11.84 -2.97
C LYS A 85 9.47 11.66 -1.48
N VAL A 86 10.39 11.03 -0.73
CA VAL A 86 10.25 10.83 0.72
C VAL A 86 11.54 11.26 1.42
N PHE A 87 11.47 12.30 2.26
CA PHE A 87 12.61 12.73 3.09
C PHE A 87 12.46 12.22 4.52
N LEU A 88 13.45 11.45 4.98
CA LEU A 88 13.54 11.02 6.36
C LEU A 88 14.49 11.93 7.11
N SER A 89 13.97 12.66 8.09
CA SER A 89 14.77 13.53 8.95
C SER A 89 15.21 12.72 10.17
N HIS A 90 16.50 12.42 10.24
CA HIS A 90 17.04 11.43 11.20
C HIS A 90 17.08 11.90 12.66
N ALA A 91 17.34 13.20 12.88
CA ALA A 91 17.50 13.75 14.23
C ALA A 91 16.20 13.76 15.01
N ASP A 92 15.18 14.42 14.46
CA ASP A 92 13.84 14.49 15.06
C ASP A 92 12.93 13.29 14.72
N ARG A 93 13.40 12.41 13.83
CA ARG A 93 12.67 11.19 13.42
C ARG A 93 11.34 11.49 12.71
N LYS A 94 11.27 12.63 12.02
CA LYS A 94 10.08 13.02 11.26
C LYS A 94 10.19 12.51 9.83
N VAL A 95 9.04 12.30 9.21
CA VAL A 95 8.94 11.77 7.84
C VAL A 95 8.21 12.80 6.98
N TRP A 96 8.85 13.20 5.89
CA TRP A 96 8.26 14.14 4.95
C TRP A 96 7.90 13.43 3.65
N LEU A 97 6.75 13.77 3.08
CA LEU A 97 6.31 13.26 1.77
C LEU A 97 6.07 14.42 0.79
N LEU A 98 6.54 14.25 -0.45
CA LEU A 98 6.41 15.25 -1.50
C LEU A 98 5.42 14.78 -2.58
N PHE A 99 4.43 15.63 -2.86
CA PHE A 99 3.41 15.34 -3.90
C PHE A 99 3.33 16.47 -4.91
N ASP A 100 2.66 16.20 -6.02
CA ASP A 100 2.24 17.25 -6.96
C ASP A 100 1.20 18.13 -6.26
N TYR A 101 1.29 19.44 -6.46
CA TYR A 101 0.39 20.39 -5.81
C TYR A 101 -0.92 20.52 -6.60
N ALA A 102 -2.05 20.41 -5.90
CA ALA A 102 -3.38 20.60 -6.49
C ALA A 102 -4.03 21.85 -5.88
N GLU A 103 -4.30 22.85 -6.72
CA GLU A 103 -4.84 24.14 -6.25
C GLU A 103 -6.26 24.05 -5.68
N HIS A 104 -7.06 23.10 -6.18
CA HIS A 104 -8.49 23.01 -5.85
C HIS A 104 -8.94 21.64 -5.32
N ASP A 105 -10.19 21.59 -4.89
CA ASP A 105 -10.89 20.35 -4.54
C ASP A 105 -12.40 20.50 -4.65
N LEU A 106 -13.11 19.39 -4.69
CA LEU A 106 -14.58 19.40 -4.84
C LEU A 106 -15.30 20.06 -3.68
N TRP A 107 -14.73 19.97 -2.47
CA TRP A 107 -15.31 20.61 -1.29
C TRP A 107 -15.42 22.13 -1.48
N HIS A 108 -14.30 22.76 -1.88
CA HIS A 108 -14.28 24.20 -2.16
C HIS A 108 -15.07 24.59 -3.40
N ILE A 109 -14.91 23.82 -4.48
CA ILE A 109 -15.63 24.07 -5.74
C ILE A 109 -17.15 24.08 -5.53
N ILE A 110 -17.66 23.05 -4.87
CA ILE A 110 -19.11 22.95 -4.59
C ILE A 110 -19.56 24.06 -3.63
N LYS A 111 -18.76 24.35 -2.60
CA LYS A 111 -19.04 25.45 -1.66
C LYS A 111 -19.10 26.82 -2.35
N PHE A 112 -18.24 27.03 -3.34
CA PHE A 112 -18.22 28.27 -4.14
C PHE A 112 -19.52 28.47 -4.92
N HIS A 113 -20.02 27.40 -5.53
CA HIS A 113 -21.30 27.43 -6.27
C HIS A 113 -22.51 27.62 -5.36
N ARG A 114 -22.48 26.95 -4.20
CA ARG A 114 -23.51 27.12 -3.18
C ARG A 114 -23.47 28.53 -2.59
N ALA A 115 -22.26 29.07 -2.41
CA ALA A 115 -22.06 30.46 -1.99
C ALA A 115 -22.51 31.45 -3.08
N SER A 116 -22.19 31.14 -4.34
CA SER A 116 -22.53 32.00 -5.48
C SER A 116 -24.04 32.09 -5.75
N LYS A 117 -24.76 30.99 -5.57
CA LYS A 117 -26.21 30.92 -5.82
C LYS A 117 -27.01 31.91 -4.95
N ALA A 118 -26.58 32.10 -3.70
CA ALA A 118 -27.15 33.12 -2.82
C ALA A 118 -26.50 34.49 -3.09
N ASN A 119 -25.24 34.66 -2.66
CA ASN A 119 -24.54 35.95 -2.75
C ASN A 119 -23.99 36.20 -4.15
N GLN A 124 -20.40 24.73 -12.35
CA GLN A 124 -20.88 23.75 -13.31
C GLN A 124 -21.08 24.37 -14.70
N LEU A 125 -20.42 25.51 -14.96
CA LEU A 125 -20.72 26.34 -16.14
C LEU A 125 -20.29 25.72 -17.46
N PRO A 126 -19.10 25.07 -17.51
CA PRO A 126 -18.88 24.11 -18.59
C PRO A 126 -19.86 22.94 -18.44
N ARG A 127 -20.62 22.66 -19.50
CA ARG A 127 -21.79 21.76 -19.42
C ARG A 127 -21.46 20.34 -18.94
N GLY A 128 -20.30 19.82 -19.37
CA GLY A 128 -19.83 18.48 -19.00
C GLY A 128 -18.74 18.45 -17.94
N MET A 129 -18.75 19.41 -17.02
CA MET A 129 -17.80 19.41 -15.90
C MET A 129 -18.13 18.31 -14.89
N VAL A 130 -19.41 18.16 -14.58
CA VAL A 130 -19.89 17.14 -13.64
C VAL A 130 -19.57 15.74 -14.17
N LYS A 131 -19.85 15.51 -15.46
CA LYS A 131 -19.57 14.25 -16.14
C LYS A 131 -18.07 13.96 -16.19
N SER A 132 -17.29 14.99 -16.49
CA SER A 132 -15.83 14.85 -16.54
C SER A 132 -15.27 14.57 -15.15
N LEU A 133 -15.75 15.31 -14.15
CA LEU A 133 -15.41 15.06 -12.75
C LEU A 133 -15.75 13.62 -12.37
N LEU A 134 -16.96 13.18 -12.70
CA LEU A 134 -17.41 11.83 -12.38
C LEU A 134 -16.58 10.74 -13.06
N TYR A 135 -16.27 10.92 -14.34
CA TYR A 135 -15.54 9.92 -15.11
C TYR A 135 -14.11 9.70 -14.60
N GLN A 136 -13.44 10.79 -14.25
CA GLN A 136 -12.07 10.73 -13.74
C GLN A 136 -12.00 10.14 -12.33
N ILE A 137 -13.00 10.45 -11.50
CA ILE A 137 -13.16 9.81 -10.18
C ILE A 137 -13.32 8.30 -10.34
N LEU A 138 -14.20 7.87 -11.25
CA LEU A 138 -14.43 6.43 -11.50
C LEU A 138 -13.19 5.72 -12.07
N ASP A 139 -12.49 6.40 -12.97
CA ASP A 139 -11.27 5.89 -13.58
C ASP A 139 -10.21 5.64 -12.51
N GLY A 140 -10.08 6.59 -11.58
CA GLY A 140 -9.11 6.49 -10.48
C GLY A 140 -9.39 5.39 -9.49
N ILE A 141 -10.66 5.26 -9.09
CA ILE A 141 -11.09 4.21 -8.16
C ILE A 141 -11.02 2.81 -8.80
N HIS A 142 -11.34 2.74 -10.09
CA HIS A 142 -11.18 1.51 -10.85
C HIS A 142 -9.73 1.00 -10.80
N TYR A 143 -8.77 1.91 -10.99
CA TYR A 143 -7.36 1.59 -10.87
C TYR A 143 -7.02 1.03 -9.49
N LEU A 144 -7.51 1.68 -8.44
CA LEU A 144 -7.25 1.22 -7.06
C LEU A 144 -7.90 -0.15 -6.80
N HIS A 145 -9.17 -0.28 -7.17
CA HIS A 145 -9.93 -1.53 -6.99
C HIS A 145 -9.35 -2.71 -7.78
N ALA A 146 -8.88 -2.43 -9.00
CA ALA A 146 -8.20 -3.44 -9.83
C ALA A 146 -6.92 -3.97 -9.16
N ASN A 147 -6.27 -3.13 -8.36
CA ASN A 147 -5.11 -3.53 -7.56
C ASN A 147 -5.47 -3.93 -6.11
N TRP A 148 -6.73 -4.25 -5.86
CA TRP A 148 -7.25 -4.60 -4.53
C TRP A 148 -6.96 -3.57 -3.43
N VAL A 149 -7.02 -2.29 -3.81
CA VAL A 149 -6.83 -1.19 -2.87
C VAL A 149 -8.17 -0.48 -2.73
N LEU A 150 -8.65 -0.34 -1.49
CA LEU A 150 -9.88 0.41 -1.20
C LEU A 150 -9.51 1.80 -0.72
N HIS A 151 -10.37 2.78 -1.01
CA HIS A 151 -10.18 4.15 -0.50
C HIS A 151 -10.65 4.24 0.94
N ARG A 152 -11.86 3.77 1.21
CA ARG A 152 -12.44 3.67 2.58
C ARG A 152 -12.94 4.98 3.21
N ASP A 153 -12.78 6.11 2.52
CA ASP A 153 -13.20 7.42 3.04
C ASP A 153 -13.32 8.45 1.91
N LEU A 154 -14.06 8.10 0.86
CA LEU A 154 -14.29 9.00 -0.27
C LEU A 154 -15.26 10.12 0.12
N LYS A 155 -14.88 11.35 -0.21
CA LYS A 155 -15.69 12.54 0.03
C LYS A 155 -15.08 13.71 -0.76
N PRO A 156 -15.87 14.78 -1.02
CA PRO A 156 -15.39 15.95 -1.81
C PRO A 156 -14.04 16.56 -1.40
N ALA A 157 -13.75 16.57 -0.10
CA ALA A 157 -12.44 17.02 0.41
C ALA A 157 -11.26 16.23 -0.17
N ASN A 158 -11.45 14.92 -0.34
CA ASN A 158 -10.43 14.02 -0.88
C ASN A 158 -10.35 13.94 -2.41
N ILE A 159 -11.32 14.54 -3.12
CA ILE A 159 -11.27 14.66 -4.58
C ILE A 159 -10.63 16.00 -4.95
N LEU A 160 -9.35 15.96 -5.33
CA LEU A 160 -8.61 17.16 -5.69
C LEU A 160 -8.73 17.41 -7.18
N VAL A 161 -8.57 18.67 -7.59
CA VAL A 161 -8.52 19.04 -9.01
C VAL A 161 -7.34 20.00 -9.23
N MET A 162 -6.55 19.72 -10.27
CA MET A 162 -5.33 20.48 -10.55
C MET A 162 -5.64 21.85 -11.15
N GLY A 163 -4.94 22.87 -10.65
CA GLY A 163 -5.06 24.23 -11.17
C GLY A 163 -4.24 24.42 -12.43
N GLU A 164 -3.85 25.67 -12.70
CA GLU A 164 -3.13 25.99 -13.94
C GLU A 164 -1.76 25.30 -13.98
N GLY A 165 -1.37 24.88 -15.17
CA GLY A 165 -0.18 24.03 -15.37
C GLY A 165 -0.42 22.98 -16.44
N PRO A 166 0.52 22.02 -16.59
CA PRO A 166 0.39 20.94 -17.58
C PRO A 166 -0.83 20.03 -17.38
N GLU A 167 -1.17 19.73 -16.12
CA GLU A 167 -2.28 18.84 -15.78
C GLU A 167 -3.58 19.61 -15.48
N ARG A 168 -3.81 20.71 -16.20
CA ARG A 168 -4.94 21.64 -15.98
C ARG A 168 -6.29 20.93 -15.89
N GLY A 169 -6.97 21.08 -14.75
CA GLY A 169 -8.29 20.50 -14.50
C GLY A 169 -8.37 18.98 -14.55
N ARG A 170 -7.32 18.30 -14.07
CA ARG A 170 -7.34 16.85 -13.92
C ARG A 170 -7.70 16.51 -12.48
N VAL A 171 -8.58 15.52 -12.30
CA VAL A 171 -8.95 15.05 -10.96
C VAL A 171 -7.80 14.21 -10.41
N LYS A 172 -7.51 14.41 -9.12
CA LYS A 172 -6.50 13.62 -8.40
C LYS A 172 -7.13 13.13 -7.10
N ILE A 173 -7.29 11.81 -6.96
CA ILE A 173 -7.84 11.23 -5.73
C ILE A 173 -6.76 11.19 -4.65
N ALA A 174 -7.12 11.63 -3.45
CA ALA A 174 -6.17 11.73 -2.32
C ALA A 174 -6.68 11.01 -1.08
N ASP A 175 -5.77 10.76 -0.15
CA ASP A 175 -6.09 10.37 1.22
C ASP A 175 -6.89 9.07 1.33
N MET A 176 -6.35 8.00 0.74
CA MET A 176 -6.93 6.66 0.94
C MET A 176 -6.77 6.24 2.39
N GLY A 177 -7.72 5.44 2.88
CA GLY A 177 -7.61 4.79 4.18
C GLY A 177 -6.54 3.72 4.05
N PHE A 178 -5.31 4.09 4.38
CA PHE A 178 -4.16 3.20 4.18
C PHE A 178 -4.05 2.11 5.24
N ALA A 179 -4.35 2.45 6.49
CA ALA A 179 -4.31 1.49 7.60
C ALA A 179 -5.56 1.53 8.47
N ARG A 180 -6.43 0.54 8.27
CA ARG A 180 -7.50 0.20 9.23
C ARG A 180 -7.17 -1.20 9.78
N LEU A 181 -7.36 -1.38 11.08
CA LEU A 181 -6.94 -2.62 11.75
C LEU A 181 -7.79 -3.82 11.31
N PHE A 182 -7.14 -4.84 10.75
CA PHE A 182 -7.79 -6.05 10.22
C PHE A 182 -8.80 -5.78 9.08
N ASN A 183 -8.61 -4.67 8.36
CA ASN A 183 -9.57 -4.17 7.36
C ASN A 183 -10.99 -4.07 7.93
N SER A 184 -11.16 -3.16 8.88
CA SER A 184 -12.42 -3.06 9.65
C SER A 184 -12.65 -1.64 10.20
N PRO A 185 -13.92 -1.17 10.16
CA PRO A 185 -14.30 0.07 10.84
C PRO A 185 -14.55 -0.10 12.35
N LEU A 186 -14.56 -1.36 12.83
CA LEU A 186 -14.83 -1.68 14.24
C LEU A 186 -13.53 -1.68 15.04
N THR A 198 -18.05 13.45 9.63
CA THR A 198 -19.43 13.26 9.16
C THR A 198 -19.69 11.85 8.65
N PHE A 199 -20.98 11.50 8.56
CA PHE A 199 -21.43 10.19 8.09
C PHE A 199 -22.16 10.28 6.74
N TRP A 200 -22.03 11.43 6.07
CA TRP A 200 -22.85 11.76 4.89
C TRP A 200 -22.57 10.89 3.65
N TYR A 201 -21.38 10.30 3.60
CA TYR A 201 -20.93 9.51 2.44
C TYR A 201 -20.75 8.03 2.78
N ARG A 202 -21.23 7.61 3.94
CA ARG A 202 -21.03 6.24 4.43
C ARG A 202 -22.23 5.35 4.09
N ALA A 203 -21.94 4.21 3.46
CA ALA A 203 -22.98 3.32 2.92
C ALA A 203 -23.81 2.67 4.02
N PRO A 204 -25.12 2.40 3.75
CA PRO A 204 -26.00 1.85 4.78
C PRO A 204 -25.50 0.60 5.52
N GLU A 205 -24.77 -0.29 4.85
CA GLU A 205 -24.22 -1.49 5.52
C GLU A 205 -23.21 -1.17 6.62
N LEU A 206 -22.41 -0.12 6.44
CA LEU A 206 -21.53 0.40 7.51
C LEU A 206 -22.34 0.96 8.67
N LEU A 207 -23.39 1.71 8.35
CA LEU A 207 -24.32 2.24 9.37
C LEU A 207 -25.12 1.12 10.07
N LEU A 208 -25.26 -0.04 9.43
CA LEU A 208 -25.88 -1.22 10.03
C LEU A 208 -24.87 -2.24 10.58
N GLY A 209 -23.60 -1.85 10.66
CA GLY A 209 -22.56 -2.62 11.36
C GLY A 209 -21.81 -3.66 10.56
N ALA A 210 -21.52 -3.37 9.29
CA ALA A 210 -20.68 -4.26 8.47
C ALA A 210 -19.27 -4.32 9.06
N ARG A 211 -18.72 -5.53 9.11
CA ARG A 211 -17.42 -5.79 9.75
C ARG A 211 -16.21 -5.47 8.86
N HIS A 212 -16.42 -5.39 7.54
CA HIS A 212 -15.35 -5.18 6.56
C HIS A 212 -15.70 -4.11 5.52
N TYR A 213 -14.69 -3.32 5.16
CA TYR A 213 -14.80 -2.40 4.01
C TYR A 213 -14.80 -3.21 2.72
N THR A 214 -15.50 -2.69 1.70
CA THR A 214 -15.66 -3.35 0.40
C THR A 214 -15.50 -2.35 -0.74
N LYS A 215 -15.37 -2.87 -1.95
CA LYS A 215 -15.40 -2.04 -3.16
C LYS A 215 -16.75 -1.31 -3.28
N ALA A 216 -17.84 -2.01 -2.97
CA ALA A 216 -19.19 -1.40 -2.97
C ALA A 216 -19.30 -0.15 -2.08
N ILE A 217 -18.61 -0.15 -0.93
CA ILE A 217 -18.65 1.01 0.00
C ILE A 217 -18.10 2.29 -0.65
N ASP A 218 -17.00 2.16 -1.38
CA ASP A 218 -16.45 3.29 -2.17
C ASP A 218 -17.44 3.80 -3.24
N ILE A 219 -18.19 2.88 -3.85
CA ILE A 219 -19.12 3.25 -4.93
C ILE A 219 -20.28 4.10 -4.44
N TRP A 220 -20.89 3.70 -3.33
CA TRP A 220 -21.92 4.51 -2.66
C TRP A 220 -21.46 5.97 -2.48
N ALA A 221 -20.25 6.15 -1.96
CA ALA A 221 -19.68 7.48 -1.75
C ALA A 221 -19.56 8.29 -3.03
N ILE A 222 -19.21 7.63 -4.14
CA ILE A 222 -19.15 8.28 -5.46
C ILE A 222 -20.55 8.75 -5.88
N GLY A 223 -21.56 7.92 -5.62
CA GLY A 223 -22.95 8.27 -5.88
C GLY A 223 -23.40 9.51 -5.13
N CYS A 224 -22.98 9.61 -3.86
CA CYS A 224 -23.24 10.79 -3.04
C CYS A 224 -22.56 12.04 -3.60
N ILE A 225 -21.32 11.89 -4.04
CA ILE A 225 -20.57 13.00 -4.64
C ILE A 225 -21.20 13.43 -5.96
N PHE A 226 -21.62 12.47 -6.78
CA PHE A 226 -22.31 12.74 -8.03
C PHE A 226 -23.65 13.47 -7.80
N ALA A 227 -24.39 13.07 -6.78
CA ALA A 227 -25.63 13.76 -6.39
C ALA A 227 -25.35 15.19 -5.94
N GLU A 228 -24.30 15.35 -5.14
CA GLU A 228 -23.88 16.66 -4.66
C GLU A 228 -23.39 17.56 -5.80
N LEU A 229 -22.68 17.00 -6.78
CA LEU A 229 -22.27 17.74 -7.99
C LEU A 229 -23.45 18.25 -8.81
N LEU A 230 -24.52 17.45 -8.91
CA LEU A 230 -25.71 17.83 -9.67
C LEU A 230 -26.55 18.91 -8.98
N THR A 231 -26.70 18.82 -7.66
CA THR A 231 -27.57 19.71 -6.88
C THR A 231 -26.86 20.84 -6.14
N SER A 232 -25.55 20.68 -5.91
CA SER A 232 -24.75 21.59 -5.06
C SER A 232 -25.07 21.48 -3.55
N GLU A 233 -25.69 20.37 -3.12
CA GLU A 233 -26.00 20.13 -1.70
C GLU A 233 -25.72 18.66 -1.36
N PRO A 234 -25.22 18.37 -0.14
CA PRO A 234 -25.05 16.96 0.21
C PRO A 234 -26.39 16.23 0.28
N ILE A 235 -26.51 15.14 -0.48
CA ILE A 235 -27.77 14.41 -0.61
C ILE A 235 -28.28 13.82 0.70
N PHE A 236 -27.36 13.33 1.52
CA PHE A 236 -27.70 12.79 2.84
C PHE A 236 -27.12 13.69 3.94
N HIS A 237 -27.40 15.00 3.82
CA HIS A 237 -26.98 16.00 4.80
C HIS A 237 -27.66 15.78 6.14
N CYS A 238 -26.90 16.02 7.22
CA CYS A 238 -27.29 15.60 8.58
C CYS A 238 -26.61 16.48 9.64
N ARG A 239 -27.11 16.41 10.87
CA ARG A 239 -26.48 17.09 12.02
C ARG A 239 -25.18 16.40 12.43
N GLN A 240 -24.37 17.10 13.24
CA GLN A 240 -23.12 16.55 13.78
C GLN A 240 -23.31 16.15 15.26
N ASN A 247 -21.27 3.10 18.20
CA ASN A 247 -20.29 3.64 17.26
C ASN A 247 -20.66 3.46 15.78
N PRO A 248 -20.97 2.22 15.33
CA PRO A 248 -21.34 2.04 13.91
C PRO A 248 -22.74 2.58 13.57
N TYR A 249 -23.70 2.35 14.46
CA TYR A 249 -25.10 2.73 14.25
C TYR A 249 -25.29 4.25 14.41
N HIS A 250 -26.08 4.84 13.51
CA HIS A 250 -26.47 6.25 13.61
C HIS A 250 -27.88 6.47 13.05
N HIS A 251 -28.81 6.78 13.96
CA HIS A 251 -30.25 6.85 13.67
C HIS A 251 -30.63 7.98 12.71
N ASP A 252 -30.15 9.19 12.98
CA ASP A 252 -30.51 10.36 12.16
C ASP A 252 -29.94 10.31 10.74
N GLN A 253 -28.77 9.68 10.58
CA GLN A 253 -28.16 9.48 9.27
C GLN A 253 -28.99 8.49 8.45
N LEU A 254 -29.41 7.40 9.10
CA LEU A 254 -30.32 6.42 8.48
C LEU A 254 -31.70 7.02 8.20
N ASP A 255 -32.19 7.85 9.11
CA ASP A 255 -33.44 8.59 8.91
C ASP A 255 -33.37 9.42 7.63
N ARG A 256 -32.26 10.12 7.42
CA ARG A 256 -32.05 10.94 6.22
C ARG A 256 -31.96 10.09 4.95
N ILE A 257 -31.24 8.98 5.01
CA ILE A 257 -31.13 8.08 3.85
C ILE A 257 -32.51 7.57 3.42
N PHE A 258 -33.36 7.19 4.39
CA PHE A 258 -34.74 6.76 4.09
C PHE A 258 -35.63 7.93 3.62
N ASN A 259 -35.42 9.13 4.16
CA ASN A 259 -36.12 10.34 3.69
C ASN A 259 -35.90 10.61 2.21
N VAL A 260 -34.70 10.31 1.72
CA VAL A 260 -34.36 10.45 0.31
C VAL A 260 -34.79 9.21 -0.46
N MET A 261 -34.23 8.05 -0.09
CA MET A 261 -34.36 6.82 -0.87
C MET A 261 -35.68 6.08 -0.69
N GLY A 262 -36.33 6.28 0.45
CA GLY A 262 -37.41 5.39 0.91
C GLY A 262 -36.82 4.23 1.70
N PHE A 263 -37.69 3.43 2.32
CA PHE A 263 -37.27 2.30 3.13
C PHE A 263 -37.13 1.06 2.23
N PRO A 264 -36.04 0.27 2.40
CA PRO A 264 -35.80 -0.86 1.48
C PRO A 264 -36.74 -2.04 1.73
N ALA A 265 -37.43 -2.49 0.67
CA ALA A 265 -38.26 -3.69 0.73
C ALA A 265 -37.40 -4.93 0.89
N ASP A 266 -38.00 -6.04 1.31
CA ASP A 266 -37.28 -7.30 1.51
C ASP A 266 -36.64 -7.77 0.20
N LYS A 267 -37.38 -7.66 -0.90
CA LYS A 267 -36.88 -7.96 -2.24
C LYS A 267 -35.68 -7.09 -2.65
N ASP A 268 -35.69 -5.82 -2.25
CA ASP A 268 -34.61 -4.87 -2.58
C ASP A 268 -33.26 -5.21 -1.95
N TRP A 269 -33.29 -5.71 -0.71
CA TRP A 269 -32.09 -6.07 0.04
C TRP A 269 -32.39 -7.30 0.91
N GLU A 270 -32.16 -8.48 0.34
CA GLU A 270 -32.46 -9.75 1.02
C GLU A 270 -31.55 -10.03 2.21
N ASP A 271 -30.25 -9.77 2.05
CA ASP A 271 -29.26 -10.00 3.12
C ASP A 271 -29.31 -9.04 4.32
N ILE A 272 -30.13 -7.99 4.25
CA ILE A 272 -30.25 -7.01 5.36
C ILE A 272 -30.47 -7.66 6.75
N LYS A 273 -31.20 -8.78 6.77
CA LYS A 273 -31.43 -9.56 8.00
C LYS A 273 -30.15 -10.13 8.62
N LYS A 274 -29.11 -10.34 7.81
CA LYS A 274 -27.81 -10.81 8.27
C LYS A 274 -26.87 -9.70 8.80
N MET A 275 -27.35 -8.45 8.83
CA MET A 275 -26.59 -7.34 9.42
C MET A 275 -26.74 -7.39 10.95
N PRO A 276 -25.66 -7.09 11.69
CA PRO A 276 -25.75 -7.10 13.17
C PRO A 276 -26.77 -6.14 13.79
N GLU A 277 -26.98 -4.98 13.17
CA GLU A 277 -27.89 -3.95 13.70
C GLU A 277 -29.29 -3.97 13.08
N HIS A 278 -29.67 -5.08 12.45
CA HIS A 278 -30.99 -5.21 11.83
C HIS A 278 -32.15 -5.12 12.84
N SER A 279 -32.00 -5.74 14.02
CA SER A 279 -33.04 -5.68 15.05
C SER A 279 -33.24 -4.26 15.62
N THR A 280 -32.13 -3.52 15.80
CA THR A 280 -32.19 -2.12 16.19
C THR A 280 -32.94 -1.29 15.14
N LEU A 281 -32.68 -1.57 13.86
CA LEU A 281 -33.37 -0.89 12.76
C LEU A 281 -34.87 -1.11 12.81
N MET A 282 -35.28 -2.36 13.01
CA MET A 282 -36.71 -2.72 13.13
C MET A 282 -37.38 -2.07 14.36
N LYS A 283 -36.65 -2.01 15.47
CA LYS A 283 -37.13 -1.36 16.69
C LYS A 283 -37.41 0.13 16.45
N ASP A 284 -36.47 0.82 15.81
CA ASP A 284 -36.53 2.28 15.69
C ASP A 284 -37.29 2.82 14.47
N PHE A 285 -37.49 2.01 13.42
CA PHE A 285 -38.06 2.49 12.15
C PHE A 285 -39.27 1.69 11.67
N ARG A 286 -40.09 2.37 10.85
CA ARG A 286 -41.30 1.81 10.26
C ARG A 286 -41.42 2.22 8.78
N ARG A 287 -41.56 1.22 7.91
CA ARG A 287 -41.73 1.41 6.46
C ARG A 287 -42.72 2.51 6.07
N ASN A 288 -43.85 2.53 6.77
CA ASN A 288 -44.95 3.48 6.54
C ASN A 288 -44.53 4.96 6.62
N THR A 289 -43.60 5.26 7.53
CA THR A 289 -43.01 6.60 7.67
C THR A 289 -42.46 7.18 6.37
N TYR A 290 -41.86 6.32 5.52
CA TYR A 290 -41.21 6.75 4.27
C TYR A 290 -41.99 6.28 3.03
N THR A 291 -43.31 6.35 3.11
CA THR A 291 -44.19 5.87 2.04
C THR A 291 -44.13 6.74 0.77
N ASN A 292 -44.04 8.06 0.95
CA ASN A 292 -43.97 9.02 -0.16
C ASN A 292 -42.54 9.52 -0.40
N CYS A 293 -41.58 8.60 -0.36
CA CYS A 293 -40.15 8.91 -0.48
C CYS A 293 -39.49 8.07 -1.56
N SER A 294 -38.72 8.73 -2.43
CA SER A 294 -37.98 8.06 -3.51
C SER A 294 -36.88 8.97 -4.06
N LEU A 295 -35.85 8.36 -4.64
CA LEU A 295 -34.77 9.11 -5.31
C LEU A 295 -35.31 9.92 -6.49
N ILE A 296 -36.32 9.39 -7.17
CA ILE A 296 -36.98 10.09 -8.28
C ILE A 296 -37.56 11.42 -7.79
N LYS A 297 -38.43 11.35 -6.78
CA LYS A 297 -39.08 12.54 -6.22
C LYS A 297 -38.09 13.56 -5.66
N TYR A 298 -37.03 13.07 -5.02
CA TYR A 298 -35.99 13.95 -4.46
C TYR A 298 -35.26 14.74 -5.55
N MET A 299 -34.76 14.04 -6.56
CA MET A 299 -34.02 14.67 -7.65
C MET A 299 -34.90 15.57 -8.54
N GLU A 300 -36.19 15.24 -8.64
CA GLU A 300 -37.18 16.12 -9.27
C GLU A 300 -37.28 17.48 -8.56
N LYS A 301 -37.24 17.46 -7.22
CA LYS A 301 -37.26 18.71 -6.43
C LYS A 301 -36.03 19.59 -6.62
N HIS A 302 -34.90 19.01 -7.04
CA HIS A 302 -33.68 19.76 -7.36
C HIS A 302 -33.42 19.83 -8.88
N LYS A 303 -34.50 19.91 -9.66
CA LYS A 303 -34.44 20.16 -11.11
C LYS A 303 -33.52 19.21 -11.91
N VAL A 304 -33.58 17.91 -11.57
CA VAL A 304 -32.91 16.84 -12.32
C VAL A 304 -33.98 15.85 -12.77
N LYS A 305 -33.98 15.55 -14.06
CA LYS A 305 -35.03 14.72 -14.67
C LYS A 305 -34.75 13.22 -14.46
N PRO A 306 -35.79 12.43 -14.10
CA PRO A 306 -35.61 10.98 -13.96
C PRO A 306 -35.50 10.21 -15.29
N ASP A 307 -35.86 10.87 -16.39
CA ASP A 307 -35.63 10.33 -17.74
C ASP A 307 -34.17 10.40 -18.18
N SER A 308 -33.39 11.30 -17.57
CA SER A 308 -32.01 11.56 -17.99
C SER A 308 -31.09 10.36 -17.70
N LYS A 309 -30.08 10.19 -18.55
CA LYS A 309 -29.06 9.15 -18.35
C LYS A 309 -28.29 9.34 -17.04
N ALA A 310 -28.08 10.61 -16.66
CA ALA A 310 -27.43 10.97 -15.38
C ALA A 310 -28.15 10.40 -14.16
N PHE A 311 -29.48 10.44 -14.18
CA PHE A 311 -30.28 9.90 -13.08
C PHE A 311 -30.20 8.38 -13.00
N HIS A 312 -30.35 7.71 -14.15
CA HIS A 312 -30.32 6.24 -14.19
C HIS A 312 -28.97 5.66 -13.74
N LEU A 313 -27.88 6.34 -14.08
CA LEU A 313 -26.54 5.98 -13.57
C LEU A 313 -26.45 6.20 -12.06
N LEU A 314 -26.90 7.36 -11.59
CA LEU A 314 -26.94 7.70 -10.16
C LEU A 314 -27.70 6.66 -9.33
N GLN A 315 -28.87 6.23 -9.82
CA GLN A 315 -29.68 5.22 -9.16
C GLN A 315 -28.93 3.89 -9.03
N LYS A 316 -28.18 3.52 -10.07
CA LYS A 316 -27.34 2.32 -10.04
C LYS A 316 -26.18 2.44 -9.04
N LEU A 317 -25.63 3.64 -8.88
CA LEU A 317 -24.61 3.91 -7.88
C LEU A 317 -25.18 3.92 -6.46
N LEU A 318 -26.29 4.65 -6.27
CA LEU A 318 -26.98 4.71 -4.97
C LEU A 318 -28.04 3.62 -4.88
N THR A 319 -27.60 2.38 -4.76
CA THR A 319 -28.45 1.22 -4.53
C THR A 319 -28.25 0.82 -3.06
N MET A 320 -29.35 0.52 -2.36
CA MET A 320 -29.30 0.19 -0.93
C MET A 320 -28.48 -1.07 -0.66
N ASP A 321 -28.76 -2.13 -1.42
CA ASP A 321 -28.12 -3.44 -1.23
C ASP A 321 -26.72 -3.41 -1.89
N PRO A 322 -25.63 -3.63 -1.11
CA PRO A 322 -24.27 -3.59 -1.68
C PRO A 322 -24.00 -4.52 -2.86
N ILE A 323 -24.52 -5.75 -2.81
CA ILE A 323 -24.32 -6.70 -3.93
C ILE A 323 -25.08 -6.31 -5.20
N LYS A 324 -26.11 -5.46 -5.08
CA LYS A 324 -26.83 -4.91 -6.25
C LYS A 324 -26.29 -3.57 -6.75
N ARG A 325 -25.24 -3.07 -6.10
CA ARG A 325 -24.59 -1.82 -6.48
C ARG A 325 -23.69 -2.08 -7.69
N ILE A 326 -23.62 -1.10 -8.59
CA ILE A 326 -22.80 -1.22 -9.82
C ILE A 326 -21.30 -1.07 -9.51
N THR A 327 -20.44 -1.73 -10.28
CA THR A 327 -18.99 -1.55 -10.15
C THR A 327 -18.52 -0.32 -10.92
N SER A 328 -17.32 0.15 -10.57
CA SER A 328 -16.72 1.32 -11.23
C SER A 328 -16.41 1.06 -12.71
N GLU A 329 -16.03 -0.17 -13.03
CA GLU A 329 -15.81 -0.61 -14.41
C GLU A 329 -17.10 -0.48 -15.23
N GLN A 330 -18.17 -1.06 -14.72
CA GLN A 330 -19.49 -0.98 -15.35
C GLN A 330 -20.09 0.43 -15.39
N ALA A 331 -19.71 1.27 -14.42
CA ALA A 331 -20.14 2.67 -14.39
C ALA A 331 -19.50 3.47 -15.52
N MET A 332 -18.21 3.23 -15.76
CA MET A 332 -17.49 3.85 -16.88
C MET A 332 -18.02 3.45 -18.26
N GLN A 333 -18.57 2.23 -18.35
CA GLN A 333 -19.22 1.76 -19.58
C GLN A 333 -20.66 2.25 -19.77
N ASP A 334 -21.17 3.11 -18.88
CA ASP A 334 -22.56 3.56 -18.94
C ASP A 334 -22.75 4.51 -20.14
N PRO A 335 -23.88 4.39 -20.86
CA PRO A 335 -24.12 5.26 -22.03
C PRO A 335 -24.27 6.76 -21.73
N TYR A 336 -24.43 7.14 -20.46
CA TYR A 336 -24.29 8.54 -20.01
C TYR A 336 -22.98 9.20 -20.52
N PHE A 337 -21.88 8.44 -20.52
CA PHE A 337 -20.58 8.95 -20.97
C PHE A 337 -20.39 8.95 -22.49
N LEU A 338 -21.34 8.36 -23.22
CA LEU A 338 -21.40 8.45 -24.69
C LEU A 338 -22.39 9.52 -25.18
N GLU A 339 -23.14 10.12 -24.25
CA GLU A 339 -24.09 11.18 -24.57
C GLU A 339 -23.37 12.53 -24.63
N ASP A 340 -23.77 13.38 -25.59
CA ASP A 340 -23.26 14.75 -25.69
C ASP A 340 -23.71 15.56 -24.47
N PRO A 341 -22.79 16.26 -23.79
CA PRO A 341 -21.35 16.46 -24.04
C PRO A 341 -20.47 15.34 -23.50
N LEU A 342 -19.39 15.00 -24.20
CA LEU A 342 -18.44 13.98 -23.76
C LEU A 342 -17.57 14.44 -22.59
N PRO A 343 -17.02 13.48 -21.82
CA PRO A 343 -16.05 13.84 -20.79
C PRO A 343 -14.72 14.29 -21.39
N THR A 344 -14.14 15.35 -20.82
CA THR A 344 -12.83 15.89 -21.21
C THR A 344 -11.82 15.61 -20.12
N SER A 345 -10.53 15.64 -20.48
CA SER A 345 -9.43 15.43 -19.53
C SER A 345 -9.27 16.63 -18.60
N ASP A 346 -9.40 17.83 -19.16
CA ASP A 346 -9.49 19.08 -18.41
C ASP A 346 -10.97 19.30 -18.10
N VAL A 347 -11.36 19.16 -16.83
CA VAL A 347 -12.76 19.33 -16.42
C VAL A 347 -13.30 20.75 -16.68
N PHE A 348 -12.39 21.73 -16.69
CA PHE A 348 -12.75 23.13 -16.99
C PHE A 348 -12.94 23.39 -18.50
N ALA A 349 -12.53 22.44 -19.35
CA ALA A 349 -12.74 22.49 -20.81
C ALA A 349 -12.12 23.72 -21.48
N GLY A 350 -10.94 24.11 -21.00
CA GLY A 350 -10.24 25.30 -21.50
C GLY A 350 -10.74 26.65 -21.00
N CYS A 351 -11.79 26.66 -20.16
CA CYS A 351 -12.36 27.90 -19.63
C CYS A 351 -11.44 28.50 -18.55
N GLN A 352 -11.68 29.77 -18.23
CA GLN A 352 -10.99 30.42 -17.10
C GLN A 352 -11.51 29.85 -15.78
N ILE A 353 -10.61 29.67 -14.82
CA ILE A 353 -10.93 29.08 -13.51
C ILE A 353 -11.32 30.19 -12.53
N PRO A 354 -12.62 30.26 -12.14
CA PRO A 354 -13.04 31.33 -11.23
C PRO A 354 -12.68 31.11 -9.75
N TYR A 355 -12.35 29.86 -9.38
CA TYR A 355 -12.19 29.49 -7.96
C TYR A 355 -10.87 30.03 -7.43
N PRO A 356 -10.87 30.58 -6.20
CA PRO A 356 -9.64 31.18 -5.68
C PRO A 356 -8.58 30.16 -5.30
N LYS A 357 -7.33 30.61 -5.23
CA LYS A 357 -6.21 29.79 -4.78
C LYS A 357 -6.30 29.54 -3.28
N ARG A 358 -5.51 28.58 -2.79
CA ARG A 358 -5.50 28.22 -1.37
C ARG A 358 -4.89 29.31 -0.52
N GLU A 359 -5.57 29.69 0.56
CA GLU A 359 -5.03 30.65 1.53
C GLU A 359 -4.01 29.96 2.43
N PHE A 360 -3.00 30.71 2.87
CA PHE A 360 -2.00 30.21 3.81
C PHE A 360 -2.49 30.30 5.25
N LEU A 361 -2.15 29.28 6.05
CA LEU A 361 -2.46 29.25 7.48
C LEU A 361 -1.22 29.68 8.25
N THR A 362 -1.21 30.95 8.69
CA THR A 362 -0.07 31.52 9.41
C THR A 362 -0.06 31.06 10.88
N GLU A 363 -1.21 31.22 11.54
CA GLU A 363 -1.42 30.76 12.93
C GLU A 363 -1.01 29.29 13.16
N GLU A 364 -0.10 29.08 14.12
CA GLU A 364 0.45 27.75 14.43
C GLU A 364 -0.11 27.25 15.76
N LYS B 1 -5.41 -9.21 -1.96
CA LYS B 1 -4.05 -8.72 -1.54
C LYS B 1 -3.61 -7.56 -2.42
N ALA B 2 -3.07 -6.50 -1.81
CA ALA B 2 -2.79 -5.24 -2.50
C ALA B 2 -1.69 -5.36 -3.56
N MET B 3 -1.94 -4.79 -4.73
CA MET B 3 -1.00 -4.78 -5.88
C MET B 3 -0.66 -6.18 -6.44
N ALA B 4 -1.58 -7.13 -6.27
CA ALA B 4 -1.33 -8.54 -6.61
C ALA B 4 -0.94 -8.79 -8.08
N GLY B 5 -1.58 -8.07 -9.01
CA GLY B 5 -1.31 -8.24 -10.45
C GLY B 5 -0.43 -7.17 -11.09
N ASN B 6 0.31 -6.41 -10.26
CA ASN B 6 1.06 -5.25 -10.73
C ASN B 6 2.58 -5.46 -10.88
N PHE B 7 3.04 -6.71 -10.93
CA PHE B 7 4.47 -7.02 -10.87
C PHE B 7 5.31 -6.35 -11.95
N TRP B 8 4.82 -6.33 -13.18
CA TRP B 8 5.62 -5.86 -14.33
C TRP B 8 5.82 -4.34 -14.37
N GLN B 9 5.02 -3.59 -13.60
CA GLN B 9 5.30 -2.16 -13.36
C GLN B 9 5.48 -1.86 -11.86
N SER B 10 6.00 -2.85 -11.12
CA SER B 10 6.29 -2.71 -9.69
C SER B 10 7.71 -2.19 -9.47
N SER B 11 7.95 -1.62 -8.29
CA SER B 11 9.31 -1.23 -7.90
C SER B 11 10.21 -2.44 -7.63
N HIS B 12 9.62 -3.57 -7.26
CA HIS B 12 10.35 -4.84 -7.14
C HIS B 12 11.00 -5.18 -8.49
N TYR B 13 10.18 -5.40 -9.51
CA TYR B 13 10.67 -5.76 -10.85
C TYR B 13 11.62 -4.70 -11.44
N LEU B 14 11.23 -3.43 -11.35
CA LEU B 14 11.95 -2.35 -12.04
C LEU B 14 13.23 -1.88 -11.35
N GLN B 15 13.38 -2.13 -10.05
CA GLN B 15 14.59 -1.70 -9.31
C GLN B 15 15.34 -2.78 -8.52
N TRP B 16 14.64 -3.84 -8.08
CA TRP B 16 15.22 -4.87 -7.22
C TRP B 16 15.36 -6.26 -7.86
N ILE B 17 15.38 -6.30 -9.19
CA ILE B 17 15.86 -7.49 -9.93
C ILE B 17 17.22 -7.10 -10.48
N LEU B 18 18.26 -7.51 -9.77
CA LEU B 18 19.64 -7.06 -10.03
C LEU B 18 20.32 -7.92 -11.08
N ASP B 19 21.48 -7.46 -11.54
CA ASP B 19 22.36 -8.23 -12.42
C ASP B 19 23.37 -8.99 -11.56
N LYS B 20 23.64 -10.24 -11.93
CA LYS B 20 24.52 -11.13 -11.17
C LYS B 20 25.95 -10.58 -11.05
N GLN B 21 26.43 -9.95 -12.11
CA GLN B 21 27.78 -9.35 -12.13
C GLN B 21 27.87 -8.08 -11.27
N ASP B 22 26.84 -7.23 -11.30
CA ASP B 22 26.75 -6.06 -10.41
C ASP B 22 26.72 -6.45 -8.93
N LEU B 23 25.99 -7.52 -8.62
CA LEU B 23 25.90 -8.07 -7.26
C LEU B 23 27.25 -8.58 -6.77
N LEU B 24 27.89 -9.41 -7.59
CA LEU B 24 29.22 -9.97 -7.26
C LEU B 24 30.33 -8.92 -7.20
N LYS B 25 30.18 -7.82 -7.95
CA LYS B 25 31.15 -6.72 -7.92
C LYS B 25 31.14 -5.98 -6.58
N GLU B 26 29.94 -5.63 -6.11
CA GLU B 26 29.78 -5.04 -4.77
C GLU B 26 30.17 -5.97 -3.62
N ARG B 27 30.09 -7.28 -3.85
CA ARG B 27 30.46 -8.29 -2.85
C ARG B 27 31.97 -8.42 -2.62
N GLN B 28 32.79 -8.00 -3.58
CA GLN B 28 34.25 -8.13 -3.48
C GLN B 28 34.88 -7.42 -2.27
N LYS B 29 34.24 -6.36 -1.77
CA LYS B 29 34.72 -5.68 -0.57
C LYS B 29 34.60 -6.54 0.71
N ASP B 30 33.55 -7.36 0.81
CA ASP B 30 33.41 -8.35 1.89
C ASP B 30 34.22 -9.62 1.65
N LEU B 31 34.54 -9.92 0.40
CA LEU B 31 35.36 -11.09 0.06
C LEU B 31 36.85 -10.93 0.38
N LYS B 32 37.29 -9.72 0.74
CA LYS B 32 38.63 -9.51 1.29
C LYS B 32 38.80 -10.20 2.64
N PHE B 33 37.72 -10.21 3.44
CA PHE B 33 37.71 -10.79 4.79
C PHE B 33 37.18 -12.23 4.84
N LEU B 34 36.30 -12.59 3.89
CA LEU B 34 35.67 -13.92 3.84
C LEU B 34 35.87 -14.57 2.48
N SER B 35 35.77 -15.91 2.44
CA SER B 35 35.73 -16.64 1.17
C SER B 35 34.32 -16.64 0.60
N GLU B 36 34.20 -17.06 -0.66
CA GLU B 36 32.90 -17.20 -1.34
C GLU B 36 31.99 -18.15 -0.57
N GLU B 37 32.56 -19.29 -0.19
CA GLU B 37 31.85 -20.33 0.57
C GLU B 37 31.40 -19.82 1.94
N GLU B 38 32.25 -19.04 2.61
CA GLU B 38 31.93 -18.49 3.92
C GLU B 38 30.85 -17.39 3.88
N TYR B 39 30.81 -16.61 2.80
CA TYR B 39 29.75 -15.60 2.60
C TYR B 39 28.37 -16.25 2.42
N TRP B 40 28.31 -17.35 1.67
CA TRP B 40 27.07 -18.09 1.45
C TRP B 40 26.60 -18.81 2.72
N LYS B 41 27.55 -19.38 3.48
CA LYS B 41 27.25 -19.96 4.80
C LYS B 41 26.71 -18.92 5.78
N LEU B 42 27.22 -17.69 5.66
CA LEU B 42 26.73 -16.56 6.44
C LEU B 42 25.32 -16.14 6.01
N GLN B 43 25.03 -16.20 4.72
CA GLN B 43 23.69 -15.95 4.19
C GLN B 43 22.64 -16.97 4.67
N ILE B 44 23.02 -18.25 4.65
CA ILE B 44 22.17 -19.32 5.19
C ILE B 44 21.87 -19.10 6.67
N PHE B 45 22.88 -18.69 7.42
CA PHE B 45 22.76 -18.52 8.87
C PHE B 45 21.72 -17.45 9.23
N PHE B 46 21.86 -16.26 8.63
CA PHE B 46 20.93 -15.15 8.92
C PHE B 46 19.55 -15.32 8.31
N THR B 47 19.42 -16.17 7.30
CA THR B 47 18.11 -16.57 6.79
C THR B 47 17.38 -17.42 7.83
N ASN B 48 18.11 -18.33 8.49
CA ASN B 48 17.56 -19.14 9.57
C ASN B 48 17.21 -18.31 10.82
N VAL B 49 18.00 -17.27 11.10
CA VAL B 49 17.73 -16.36 12.23
C VAL B 49 16.41 -15.62 12.04
N ILE B 50 16.20 -15.06 10.86
CA ILE B 50 14.97 -14.33 10.55
C ILE B 50 13.75 -15.28 10.58
N GLN B 51 13.94 -16.53 10.13
CA GLN B 51 12.88 -17.56 10.22
C GLN B 51 12.52 -17.87 11.68
N ALA B 52 13.54 -18.04 12.52
CA ALA B 52 13.34 -18.30 13.96
C ALA B 52 12.67 -17.14 14.68
N LEU B 53 13.05 -15.91 14.33
CA LEU B 53 12.38 -14.70 14.83
C LEU B 53 10.90 -14.66 14.47
N GLY B 54 10.62 -14.97 13.21
CA GLY B 54 9.25 -14.97 12.68
C GLY B 54 8.35 -16.02 13.30
N GLU B 55 8.87 -17.24 13.45
CA GLU B 55 8.13 -18.35 14.08
C GLU B 55 7.78 -18.04 15.54
N HIS B 56 8.77 -17.55 16.28
CA HIS B 56 8.60 -17.11 17.67
C HIS B 56 7.50 -16.05 17.81
N LEU B 57 7.50 -15.07 16.90
CA LEU B 57 6.47 -14.01 16.87
C LEU B 57 5.15 -14.42 16.19
N LYS B 58 5.05 -15.68 15.76
CA LYS B 58 3.84 -16.24 15.14
C LYS B 58 3.42 -15.50 13.85
N LEU B 59 4.40 -14.96 13.13
CA LEU B 59 4.12 -14.24 11.89
C LEU B 59 3.90 -15.23 10.73
N ARG B 60 3.12 -14.77 9.76
CA ARG B 60 2.82 -15.54 8.54
C ARG B 60 4.10 -15.67 7.69
N GLN B 61 4.16 -16.72 6.87
CA GLN B 61 5.35 -16.99 6.05
C GLN B 61 5.67 -15.86 5.05
N GLN B 62 4.62 -15.20 4.55
CA GLN B 62 4.77 -14.03 3.66
C GLN B 62 5.49 -12.84 4.32
N VAL B 63 5.29 -12.69 5.63
CA VAL B 63 5.92 -11.60 6.40
C VAL B 63 7.39 -11.90 6.65
N ILE B 64 7.70 -13.18 6.86
CA ILE B 64 9.07 -13.65 7.08
C ILE B 64 9.90 -13.51 5.79
N ALA B 65 9.27 -13.84 4.65
CA ALA B 65 9.93 -13.72 3.34
C ALA B 65 10.25 -12.26 2.98
N THR B 66 9.31 -11.36 3.25
CA THR B 66 9.51 -9.92 3.00
C THR B 66 10.68 -9.36 3.81
N ALA B 67 10.75 -9.73 5.10
CA ALA B 67 11.86 -9.35 5.97
C ALA B 67 13.19 -9.96 5.53
N THR B 68 13.16 -11.19 5.03
CA THR B 68 14.37 -11.85 4.48
C THR B 68 14.88 -11.10 3.25
N VAL B 69 13.94 -10.68 2.39
CA VAL B 69 14.27 -9.93 1.18
C VAL B 69 14.84 -8.55 1.54
N TYR B 70 14.23 -7.86 2.51
CA TYR B 70 14.77 -6.59 3.02
C TYR B 70 16.22 -6.72 3.48
N PHE B 71 16.52 -7.85 4.14
CA PHE B 71 17.87 -8.13 4.65
C PHE B 71 18.86 -8.38 3.51
N LYS B 72 18.47 -9.18 2.53
CA LYS B 72 19.32 -9.45 1.37
C LYS B 72 19.59 -8.20 0.55
N ARG B 73 18.52 -7.45 0.26
CA ARG B 73 18.62 -6.17 -0.45
C ARG B 73 19.57 -5.19 0.19
N PHE B 74 19.57 -5.11 1.52
CA PHE B 74 20.47 -4.19 2.24
C PHE B 74 21.93 -4.55 2.02
N TYR B 75 22.30 -5.78 2.33
CA TYR B 75 23.69 -6.24 2.22
C TYR B 75 24.15 -6.57 0.80
N ALA B 76 23.23 -6.60 -0.15
CA ALA B 76 23.57 -6.61 -1.57
C ALA B 76 24.28 -5.31 -1.97
N ARG B 77 23.84 -4.20 -1.38
CA ARG B 77 24.39 -2.87 -1.66
C ARG B 77 25.56 -2.51 -0.75
N TYR B 78 25.42 -2.76 0.55
CA TYR B 78 26.44 -2.37 1.55
C TYR B 78 27.15 -3.56 2.20
N SER B 79 28.27 -3.24 2.84
CA SER B 79 29.10 -4.22 3.52
C SER B 79 28.44 -4.74 4.79
N LEU B 80 28.89 -5.91 5.26
CA LEU B 80 28.47 -6.45 6.56
C LEU B 80 28.94 -5.58 7.74
N LYS B 81 30.03 -4.85 7.56
CA LYS B 81 30.55 -3.95 8.61
C LYS B 81 29.72 -2.68 8.81
N SER B 82 28.87 -2.33 7.85
CA SER B 82 28.15 -1.06 7.87
C SER B 82 27.16 -0.98 9.03
N ILE B 83 26.25 -1.95 9.10
CA ILE B 83 25.37 -2.14 10.26
C ILE B 83 25.47 -3.61 10.67
N ASP B 84 25.42 -3.85 11.99
CA ASP B 84 25.54 -5.21 12.54
C ASP B 84 24.33 -6.05 12.09
N PRO B 85 24.56 -7.18 11.39
CA PRO B 85 23.43 -8.03 10.98
C PRO B 85 22.59 -8.64 12.12
N VAL B 86 23.15 -8.68 13.34
CA VAL B 86 22.37 -9.04 14.54
C VAL B 86 21.31 -7.97 14.83
N LEU B 87 21.62 -6.71 14.51
CA LEU B 87 20.67 -5.60 14.67
C LEU B 87 19.66 -5.52 13.51
N MET B 88 20.13 -5.81 12.30
CA MET B 88 19.31 -5.65 11.07
C MET B 88 18.22 -6.71 10.94
N ALA B 89 18.54 -7.96 11.30
CA ALA B 89 17.59 -9.08 11.22
C ALA B 89 16.24 -8.80 11.91
N PRO B 90 16.25 -8.42 13.21
CA PRO B 90 14.99 -8.04 13.86
C PRO B 90 14.38 -6.72 13.36
N THR B 91 15.21 -5.78 12.92
CA THR B 91 14.72 -4.53 12.30
C THR B 91 13.92 -4.83 11.02
N CYS B 92 14.38 -5.79 10.23
CA CYS B 92 13.69 -6.19 8.99
C CYS B 92 12.32 -6.83 9.28
N VAL B 93 12.27 -7.69 10.29
CA VAL B 93 11.02 -8.29 10.76
C VAL B 93 10.05 -7.23 11.28
N PHE B 94 10.58 -6.29 12.07
CA PHE B 94 9.80 -5.18 12.64
C PHE B 94 9.14 -4.34 11.54
N LEU B 95 9.93 -3.93 10.55
CA LEU B 95 9.41 -3.14 9.42
C LEU B 95 8.43 -3.92 8.54
N ALA B 96 8.77 -5.17 8.23
CA ALA B 96 7.92 -6.08 7.44
C ALA B 96 6.56 -6.35 8.06
N SER B 97 6.53 -6.55 9.39
CA SER B 97 5.27 -6.74 10.11
C SER B 97 4.36 -5.50 10.06
N LYS B 98 4.98 -4.31 10.08
CA LYS B 98 4.24 -3.04 9.96
C LYS B 98 3.66 -2.77 8.55
N VAL B 99 4.19 -3.43 7.52
CA VAL B 99 3.68 -3.27 6.15
C VAL B 99 2.32 -3.96 5.94
N GLU B 100 2.07 -5.06 6.68
CA GLU B 100 0.80 -5.79 6.59
C GLU B 100 -0.22 -5.16 7.55
N GLU B 101 -1.49 -5.10 7.12
CA GLU B 101 -2.57 -4.49 7.91
C GLU B 101 -3.03 -5.36 9.09
N PHE B 102 -3.05 -6.68 8.91
CA PHE B 102 -3.41 -7.61 9.98
C PHE B 102 -2.25 -7.76 10.98
N GLY B 103 -2.60 -7.81 12.27
CA GLY B 103 -1.62 -8.05 13.33
C GLY B 103 -0.74 -6.86 13.67
N VAL B 104 -0.17 -6.89 14.88
CA VAL B 104 0.74 -5.86 15.37
C VAL B 104 1.87 -6.52 16.17
N VAL B 105 3.08 -5.98 16.04
CA VAL B 105 4.24 -6.39 16.85
C VAL B 105 4.64 -5.20 17.73
N SER B 106 4.59 -5.40 19.05
CA SER B 106 4.96 -4.36 20.00
C SER B 106 6.47 -4.28 20.17
N ASN B 107 6.93 -3.20 20.79
CA ASN B 107 8.36 -2.94 21.00
C ASN B 107 8.98 -3.99 21.91
N THR B 108 8.40 -4.10 23.10
CA THR B 108 8.78 -5.09 24.12
C THR B 108 8.77 -6.54 23.63
N ARG B 109 7.78 -6.89 22.80
CA ARG B 109 7.65 -8.24 22.25
C ARG B 109 8.76 -8.57 21.24
N LEU B 110 9.17 -7.57 20.46
CA LEU B 110 10.28 -7.73 19.50
C LEU B 110 11.60 -7.96 20.21
N ILE B 111 11.89 -7.14 21.22
CA ILE B 111 13.17 -7.22 21.95
C ILE B 111 13.26 -8.54 22.72
N ALA B 112 12.15 -8.93 23.36
CA ALA B 112 12.07 -10.21 24.07
C ALA B 112 12.24 -11.41 23.14
N ALA B 113 11.63 -11.33 21.95
CA ALA B 113 11.74 -12.38 20.93
C ALA B 113 13.19 -12.55 20.48
N ALA B 114 13.82 -11.45 20.07
CA ALA B 114 15.21 -11.46 19.61
C ALA B 114 16.20 -12.01 20.64
N THR B 115 16.01 -11.63 21.90
CA THR B 115 16.82 -12.14 23.02
C THR B 115 16.64 -13.65 23.19
N SER B 116 15.38 -14.08 23.26
CA SER B 116 15.04 -15.49 23.49
C SER B 116 15.56 -16.40 22.37
N VAL B 117 15.36 -15.98 21.12
CA VAL B 117 15.73 -16.80 19.95
C VAL B 117 17.25 -17.05 19.87
N LEU B 118 18.04 -16.00 20.04
CA LEU B 118 19.51 -16.12 20.02
C LEU B 118 20.07 -16.90 21.22
N LYS B 119 19.40 -16.78 22.36
CA LYS B 119 19.76 -17.53 23.57
C LYS B 119 19.45 -19.01 23.38
N THR B 120 18.20 -19.33 23.03
CA THR B 120 17.73 -20.71 22.97
C THR B 120 18.24 -21.48 21.74
N ARG B 121 18.06 -20.90 20.56
CA ARG B 121 18.29 -21.61 19.29
C ARG B 121 19.64 -21.35 18.60
N PHE B 122 20.33 -20.26 18.97
CA PHE B 122 21.60 -19.88 18.33
C PHE B 122 22.77 -19.63 19.31
N SER B 123 22.80 -20.38 20.41
CA SER B 123 23.85 -20.22 21.42
C SER B 123 25.24 -20.67 20.95
N TYR B 124 25.28 -21.57 19.97
CA TYR B 124 26.54 -21.96 19.30
C TYR B 124 27.25 -20.80 18.58
N ALA B 125 26.46 -19.85 18.09
CA ALA B 125 26.98 -18.67 17.38
C ALA B 125 27.22 -17.47 18.31
N PHE B 126 26.40 -17.33 19.35
CA PHE B 126 26.42 -16.16 20.23
C PHE B 126 26.52 -16.57 21.72
N PRO B 127 27.70 -16.40 22.34
CA PRO B 127 27.80 -16.61 23.80
C PRO B 127 27.08 -15.52 24.60
N LYS B 128 27.36 -14.26 24.27
CA LYS B 128 26.77 -13.11 24.97
C LYS B 128 25.33 -12.90 24.51
N GLU B 129 24.52 -12.31 25.39
CA GLU B 129 23.11 -12.01 25.11
C GLU B 129 22.96 -10.89 24.08
N PHE B 130 21.77 -10.81 23.50
CA PHE B 130 21.40 -9.74 22.55
C PHE B 130 21.53 -8.36 23.23
N PRO B 131 22.49 -7.51 22.75
CA PRO B 131 22.79 -6.25 23.44
C PRO B 131 21.92 -5.03 23.07
N TYR B 132 21.06 -5.14 22.06
CA TYR B 132 20.35 -3.96 21.53
C TYR B 132 19.00 -3.75 22.20
N ARG B 133 18.79 -2.54 22.73
CA ARG B 133 17.47 -2.06 23.17
C ARG B 133 16.68 -1.50 21.97
N MET B 134 15.45 -1.04 22.22
CA MET B 134 14.53 -0.64 21.14
C MET B 134 14.97 0.60 20.35
N ASN B 135 15.63 1.56 21.00
CA ASN B 135 16.16 2.74 20.31
C ASN B 135 17.11 2.38 19.16
N HIS B 136 17.87 1.31 19.32
CA HIS B 136 18.75 0.80 18.25
C HIS B 136 17.97 0.27 17.04
N ILE B 137 16.79 -0.31 17.28
CA ILE B 137 15.92 -0.80 16.20
C ILE B 137 15.33 0.39 15.43
N LEU B 138 14.81 1.37 16.16
CA LEU B 138 14.15 2.54 15.56
C LEU B 138 15.10 3.41 14.72
N GLU B 139 16.32 3.58 15.20
CA GLU B 139 17.35 4.29 14.44
C GLU B 139 17.72 3.50 13.18
N CYS B 140 17.95 2.20 13.35
CA CYS B 140 18.23 1.28 12.24
C CYS B 140 17.12 1.22 11.17
N GLU B 141 15.86 1.24 11.63
CA GLU B 141 14.70 1.24 10.73
C GLU B 141 14.78 2.34 9.68
N PHE B 142 15.20 3.54 10.10
CA PHE B 142 15.35 4.70 9.20
C PHE B 142 16.40 4.48 8.11
N TYR B 143 17.52 3.85 8.46
CA TYR B 143 18.56 3.49 7.48
C TYR B 143 18.07 2.45 6.47
N LEU B 144 17.29 1.46 6.93
CA LEU B 144 16.77 0.39 6.07
C LEU B 144 15.77 0.92 5.04
N LEU B 145 14.84 1.75 5.49
CA LEU B 145 13.84 2.36 4.61
C LEU B 145 14.47 3.29 3.55
N GLU B 146 15.59 3.92 3.89
CA GLU B 146 16.27 4.84 2.98
C GLU B 146 17.00 4.11 1.86
N LEU B 147 17.78 3.09 2.20
CA LEU B 147 18.55 2.31 1.21
C LEU B 147 17.66 1.56 0.23
N MET B 148 16.54 1.04 0.72
CA MET B 148 15.54 0.38 -0.12
C MET B 148 14.70 1.32 -0.97
N ASP B 149 14.89 2.64 -0.80
CA ASP B 149 14.18 3.67 -1.57
C ASP B 149 12.66 3.55 -1.36
N CYS B 150 12.28 3.21 -0.14
CA CYS B 150 10.89 2.96 0.26
C CYS B 150 10.15 1.86 -0.53
N CYS B 151 10.90 0.89 -1.07
CA CYS B 151 10.32 -0.25 -1.78
C CYS B 151 9.96 -1.33 -0.77
N LEU B 152 8.72 -1.27 -0.29
CA LEU B 152 8.24 -2.14 0.79
C LEU B 152 7.43 -3.33 0.31
N ILE B 153 6.74 -3.20 -0.82
CA ILE B 153 5.91 -4.27 -1.39
C ILE B 153 6.81 -5.30 -2.08
N VAL B 154 6.82 -6.53 -1.55
CA VAL B 154 7.64 -7.61 -2.09
C VAL B 154 6.73 -8.77 -2.56
N TYR B 155 7.00 -9.23 -3.77
CA TYR B 155 6.30 -10.36 -4.39
C TYR B 155 7.12 -11.62 -4.15
N HIS B 156 6.44 -12.72 -3.81
CA HIS B 156 7.10 -13.98 -3.44
C HIS B 156 6.58 -15.15 -4.27
N PRO B 157 7.36 -16.26 -4.35
CA PRO B 157 6.92 -17.41 -5.17
C PRO B 157 5.70 -18.22 -4.68
N TYR B 158 5.18 -17.93 -3.49
CA TYR B 158 4.12 -18.77 -2.91
C TYR B 158 2.79 -18.63 -3.66
N ARG B 159 2.39 -17.38 -3.92
CA ARG B 159 1.10 -17.12 -4.62
C ARG B 159 1.07 -17.70 -6.04
N PRO B 160 2.13 -17.44 -6.85
CA PRO B 160 2.26 -18.20 -8.11
C PRO B 160 2.23 -19.73 -7.94
N LEU B 161 2.97 -20.26 -6.97
CA LEU B 161 3.05 -21.72 -6.74
C LEU B 161 1.68 -22.36 -6.50
N LEU B 162 0.89 -21.73 -5.62
CA LEU B 162 -0.49 -22.18 -5.34
C LEU B 162 -1.31 -22.29 -6.61
N GLN B 163 -1.18 -21.28 -7.47
CA GLN B 163 -1.94 -21.21 -8.73
C GLN B 163 -1.53 -22.29 -9.73
N TYR B 164 -0.24 -22.65 -9.75
CA TYR B 164 0.25 -23.73 -10.62
C TYR B 164 -0.21 -25.13 -10.17
N VAL B 165 -0.08 -25.43 -8.88
CA VAL B 165 -0.49 -26.75 -8.35
C VAL B 165 -2.00 -26.96 -8.39
N GLN B 166 -2.75 -25.87 -8.20
CA GLN B 166 -4.20 -25.87 -8.41
C GLN B 166 -4.53 -26.16 -9.87
N ASP B 167 -3.73 -25.61 -10.79
CA ASP B 167 -3.89 -25.84 -12.23
C ASP B 167 -3.52 -27.27 -12.66
N MET B 168 -2.49 -27.85 -12.02
CA MET B 168 -2.14 -29.26 -12.22
C MET B 168 -3.20 -30.22 -11.67
N GLY B 169 -3.92 -29.80 -10.65
CA GLY B 169 -4.91 -30.63 -9.98
C GLY B 169 -4.29 -31.67 -9.04
N GLN B 170 -3.12 -31.35 -8.48
CA GLN B 170 -2.45 -32.22 -7.49
C GLN B 170 -1.83 -31.39 -6.37
N GLU B 171 -2.70 -30.75 -5.59
CA GLU B 171 -2.30 -29.95 -4.43
C GLU B 171 -1.84 -30.84 -3.28
N ASP B 172 -2.53 -31.97 -3.07
CA ASP B 172 -2.22 -32.88 -1.96
C ASP B 172 -0.84 -33.55 -2.12
N MET B 173 -0.54 -33.96 -3.34
CA MET B 173 0.73 -34.66 -3.63
C MET B 173 1.94 -33.72 -3.69
N LEU B 174 1.77 -32.54 -4.28
CA LEU B 174 2.91 -31.65 -4.64
C LEU B 174 3.15 -30.43 -3.76
N LEU B 175 2.08 -29.81 -3.26
CA LEU B 175 2.17 -28.49 -2.60
C LEU B 175 3.05 -28.45 -1.33
N PRO B 176 2.95 -29.46 -0.44
CA PRO B 176 3.85 -29.49 0.73
C PRO B 176 5.34 -29.45 0.38
N LEU B 177 5.77 -30.30 -0.55
CA LEU B 177 7.19 -30.37 -0.94
C LEU B 177 7.67 -29.14 -1.72
N ALA B 178 6.84 -28.65 -2.65
CA ALA B 178 7.19 -27.47 -3.45
C ALA B 178 7.30 -26.21 -2.60
N TRP B 179 6.36 -26.07 -1.67
CA TRP B 179 6.34 -24.95 -0.72
C TRP B 179 7.61 -24.90 0.15
N ARG B 180 8.10 -26.05 0.62
CA ARG B 180 9.33 -26.07 1.43
C ARG B 180 10.58 -25.81 0.59
N ILE B 181 10.56 -26.20 -0.69
CA ILE B 181 11.65 -25.87 -1.61
C ILE B 181 11.67 -24.36 -1.86
N VAL B 182 10.50 -23.72 -1.96
CA VAL B 182 10.44 -22.25 -2.04
C VAL B 182 11.10 -21.62 -0.81
N ASN B 183 10.75 -22.10 0.39
CA ASN B 183 11.42 -21.65 1.63
C ASN B 183 12.96 -21.76 1.51
N ASP B 184 13.44 -22.89 1.00
CA ASP B 184 14.88 -23.14 0.84
C ASP B 184 15.57 -22.15 -0.10
N THR B 185 14.87 -21.68 -1.14
CA THR B 185 15.46 -20.76 -2.12
C THR B 185 15.86 -19.41 -1.51
N TYR B 186 15.28 -19.05 -0.37
CA TYR B 186 15.71 -17.88 0.39
C TYR B 186 17.09 -18.03 1.07
N ARG B 187 17.66 -19.23 1.06
CA ARG B 187 19.08 -19.41 1.41
C ARG B 187 20.04 -18.89 0.32
N THR B 188 19.52 -18.66 -0.89
CA THR B 188 20.32 -18.23 -2.05
C THR B 188 19.97 -16.79 -2.45
N ASP B 189 20.62 -16.32 -3.51
CA ASP B 189 20.36 -14.98 -4.09
C ASP B 189 19.17 -14.91 -5.04
N LEU B 190 18.53 -16.05 -5.32
CA LEU B 190 17.54 -16.17 -6.41
C LEU B 190 16.44 -15.10 -6.41
N CYS B 191 16.01 -14.69 -5.22
CA CYS B 191 14.97 -13.65 -5.08
C CYS B 191 15.39 -12.25 -5.55
N LEU B 192 16.70 -12.01 -5.65
CA LEU B 192 17.25 -10.77 -6.22
C LEU B 192 17.62 -10.87 -7.71
N LEU B 193 17.50 -12.05 -8.31
CA LEU B 193 17.94 -12.31 -9.70
C LEU B 193 16.82 -12.64 -10.68
N TYR B 194 15.81 -13.40 -10.22
CA TYR B 194 14.71 -13.86 -11.07
C TYR B 194 13.34 -13.40 -10.52
N PRO B 195 12.35 -13.18 -11.42
CA PRO B 195 10.96 -12.97 -10.98
C PRO B 195 10.40 -14.12 -10.13
N PRO B 196 9.50 -13.82 -9.16
CA PRO B 196 8.92 -14.85 -8.30
C PRO B 196 8.37 -16.09 -9.02
N PHE B 197 7.56 -15.89 -10.05
CA PHE B 197 6.88 -17.01 -10.73
C PHE B 197 7.86 -18.01 -11.37
N MET B 198 9.03 -17.52 -11.77
CA MET B 198 10.09 -18.39 -12.33
C MET B 198 10.68 -19.33 -11.28
N ILE B 199 10.88 -18.82 -10.07
CA ILE B 199 11.35 -19.63 -8.93
C ILE B 199 10.28 -20.66 -8.55
N ALA B 200 9.02 -20.26 -8.56
CA ALA B 200 7.90 -21.18 -8.28
C ALA B 200 7.87 -22.40 -9.22
N LEU B 201 8.09 -22.17 -10.51
CA LEU B 201 8.13 -23.25 -11.50
C LEU B 201 9.32 -24.17 -11.28
N ALA B 202 10.46 -23.60 -10.94
CA ALA B 202 11.67 -24.37 -10.64
C ALA B 202 11.46 -25.30 -9.44
N CYS B 203 10.88 -24.76 -8.36
CA CYS B 203 10.61 -25.54 -7.14
C CYS B 203 9.63 -26.68 -7.40
N LEU B 204 8.60 -26.39 -8.19
CA LEU B 204 7.60 -27.38 -8.60
C LEU B 204 8.20 -28.47 -9.47
N HIS B 205 9.08 -28.10 -10.39
CA HIS B 205 9.80 -29.07 -11.21
C HIS B 205 10.61 -30.02 -10.33
N VAL B 206 11.42 -29.47 -9.43
CA VAL B 206 12.23 -30.27 -8.50
C VAL B 206 11.33 -31.18 -7.65
N ALA B 207 10.22 -30.65 -7.16
CA ALA B 207 9.23 -31.44 -6.42
C ALA B 207 8.69 -32.62 -7.24
N CYS B 208 8.41 -32.37 -8.53
CA CYS B 208 7.98 -33.43 -9.47
C CYS B 208 9.05 -34.49 -9.69
N VAL B 209 10.31 -34.05 -9.82
CA VAL B 209 11.43 -34.98 -9.99
C VAL B 209 11.64 -35.81 -8.72
N VAL B 210 11.60 -35.16 -7.55
CA VAL B 210 11.77 -35.83 -6.27
C VAL B 210 10.69 -36.90 -6.03
N GLN B 211 9.44 -36.57 -6.35
CA GLN B 211 8.31 -37.49 -6.14
C GLN B 211 8.00 -38.42 -7.32
N GLN B 212 8.83 -38.37 -8.37
CA GLN B 212 8.67 -39.20 -9.58
C GLN B 212 7.30 -39.00 -10.26
N LYS B 213 6.85 -37.74 -10.31
CA LYS B 213 5.62 -37.34 -10.99
C LYS B 213 5.99 -36.88 -12.40
N ASP B 214 5.45 -37.55 -13.41
CA ASP B 214 5.68 -37.19 -14.80
C ASP B 214 4.80 -35.99 -15.15
N ALA B 215 5.44 -34.85 -15.44
CA ALA B 215 4.74 -33.61 -15.76
C ALA B 215 5.43 -32.85 -16.90
N ARG B 216 5.93 -33.59 -17.88
CA ARG B 216 6.68 -33.01 -19.00
C ARG B 216 5.76 -32.22 -19.92
N GLN B 217 4.60 -32.77 -20.22
CA GLN B 217 3.61 -32.13 -21.11
C GLN B 217 3.09 -30.82 -20.52
N TRP B 218 2.75 -30.83 -19.23
CA TRP B 218 2.28 -29.64 -18.52
C TRP B 218 3.31 -28.50 -18.55
N PHE B 219 4.57 -28.83 -18.27
CA PHE B 219 5.67 -27.85 -18.34
C PHE B 219 5.89 -27.32 -19.77
N ALA B 220 5.79 -28.21 -20.76
CA ALA B 220 5.89 -27.83 -22.18
C ALA B 220 4.76 -26.88 -22.64
N GLU B 221 3.55 -27.08 -22.09
CA GLU B 221 2.39 -26.23 -22.42
C GLU B 221 2.45 -24.79 -21.90
N LEU B 222 3.41 -24.47 -21.02
CA LEU B 222 3.66 -23.10 -20.56
C LEU B 222 4.58 -22.35 -21.53
N SER B 223 4.29 -21.07 -21.72
CA SER B 223 5.08 -20.19 -22.59
C SER B 223 6.02 -19.32 -21.74
N VAL B 224 7.16 -19.90 -21.35
CA VAL B 224 8.18 -19.23 -20.52
C VAL B 224 9.58 -19.63 -21.02
N ASP B 225 10.56 -18.74 -20.80
CA ASP B 225 11.97 -19.05 -21.08
C ASP B 225 12.42 -20.22 -20.18
N MET B 226 12.48 -21.41 -20.77
CA MET B 226 12.82 -22.63 -20.03
C MET B 226 14.30 -22.73 -19.66
N GLU B 227 15.17 -22.04 -20.42
CA GLU B 227 16.60 -22.00 -20.11
C GLU B 227 16.88 -21.30 -18.78
N LYS B 228 16.13 -20.23 -18.51
CA LYS B 228 16.21 -19.51 -17.23
C LYS B 228 15.74 -20.38 -16.05
N ILE B 229 14.73 -21.20 -16.27
CA ILE B 229 14.22 -22.11 -15.23
C ILE B 229 15.26 -23.19 -14.89
N LEU B 230 15.95 -23.71 -15.90
CA LEU B 230 17.03 -24.68 -15.69
C LEU B 230 18.22 -24.09 -14.94
N GLU B 231 18.46 -22.78 -15.09
CA GLU B 231 19.46 -22.08 -14.28
C GLU B 231 19.08 -22.04 -12.79
N ILE B 232 17.79 -21.89 -12.51
CA ILE B 232 17.27 -21.85 -11.13
C ILE B 232 17.32 -23.25 -10.49
N ILE B 233 17.00 -24.28 -11.27
CA ILE B 233 17.02 -25.66 -10.78
C ILE B 233 18.45 -26.08 -10.37
N ARG B 234 19.43 -25.72 -11.18
CA ARG B 234 20.85 -25.98 -10.87
C ARG B 234 21.31 -25.30 -9.56
N VAL B 235 20.83 -24.09 -9.30
CA VAL B 235 21.09 -23.37 -8.04
C VAL B 235 20.42 -24.08 -6.85
N ILE B 236 19.19 -24.55 -7.04
CA ILE B 236 18.46 -25.31 -6.02
C ILE B 236 19.17 -26.63 -5.74
N LEU B 237 19.60 -27.33 -6.80
CA LEU B 237 20.33 -28.59 -6.64
C LEU B 237 21.70 -28.38 -6.01
N LYS B 238 22.37 -27.27 -6.34
CA LYS B 238 23.64 -26.91 -5.71
C LYS B 238 23.45 -26.56 -4.23
N LEU B 239 22.32 -25.93 -3.91
CA LEU B 239 21.99 -25.59 -2.52
C LEU B 239 21.97 -26.82 -1.61
N TYR B 240 21.36 -27.90 -2.08
CA TYR B 240 21.25 -29.14 -1.28
C TYR B 240 22.58 -29.89 -1.11
N GLU B 241 23.50 -29.74 -2.07
CA GLU B 241 24.86 -30.23 -1.90
C GLU B 241 25.64 -29.39 -0.89
N GLN B 242 25.41 -28.07 -0.87
CA GLN B 242 26.00 -27.19 0.15
C GLN B 242 25.44 -27.49 1.54
N TRP B 243 24.13 -27.70 1.62
CA TRP B 243 23.43 -28.14 2.84
C TRP B 243 24.12 -29.37 3.46
N LYS B 244 24.32 -30.40 2.62
CA LYS B 244 24.99 -31.66 3.01
C LYS B 244 26.38 -31.45 3.64
N ASN B 245 27.20 -30.61 3.00
CA ASN B 245 28.59 -30.38 3.43
C ASN B 245 28.77 -29.34 4.54
N PHE B 246 27.70 -28.63 4.89
CA PHE B 246 27.75 -27.50 5.81
C PHE B 246 27.12 -27.88 7.15
N ASP B 247 27.97 -28.02 8.19
CA ASP B 247 27.49 -28.06 9.57
C ASP B 247 27.49 -26.62 10.11
N GLU B 248 26.32 -25.99 10.01
CA GLU B 248 26.08 -24.64 10.53
C GLU B 248 26.58 -24.50 11.96
N ARG B 249 26.17 -25.43 12.82
CA ARG B 249 26.41 -25.32 14.26
C ARG B 249 27.89 -25.39 14.66
N LYS B 250 28.68 -26.18 13.94
CA LYS B 250 30.13 -26.31 14.20
C LYS B 250 30.98 -25.19 13.60
N GLU B 251 30.56 -24.65 12.45
CA GLU B 251 31.37 -23.70 11.66
C GLU B 251 31.09 -22.22 11.92
N MET B 252 29.87 -21.89 12.34
CA MET B 252 29.40 -20.49 12.31
C MET B 252 30.03 -19.53 13.33
N ALA B 253 30.55 -20.04 14.43
CA ALA B 253 31.24 -19.20 15.43
C ALA B 253 32.50 -18.57 14.84
N THR B 254 33.31 -19.41 14.18
CA THR B 254 34.55 -18.98 13.51
C THR B 254 34.29 -18.02 12.34
N ILE B 255 33.25 -18.29 11.55
CA ILE B 255 32.90 -17.45 10.40
C ILE B 255 32.47 -16.04 10.84
N LEU B 256 31.67 -15.96 11.90
CA LEU B 256 31.22 -14.67 12.45
C LEU B 256 32.35 -13.80 13.03
N SER B 257 33.42 -14.44 13.51
CA SER B 257 34.64 -13.69 13.92
C SER B 257 35.42 -13.17 12.71
N LYS B 258 35.42 -13.92 11.61
CA LYS B 258 36.05 -13.47 10.35
C LYS B 258 35.32 -12.31 9.64
N MET B 259 34.08 -12.01 10.02
CA MET B 259 33.34 -10.85 9.49
C MET B 259 34.06 -9.54 9.77
N PRO B 260 34.04 -8.60 8.81
CA PRO B 260 34.57 -7.27 9.10
C PRO B 260 33.59 -6.52 10.01
N LYS B 261 34.14 -5.90 11.07
CA LYS B 261 33.31 -5.28 12.11
C LYS B 261 33.23 -3.77 11.92
N PRO B 262 32.17 -3.12 12.48
CA PRO B 262 32.03 -1.68 12.30
C PRO B 262 33.05 -0.92 13.13
N LYS B 263 33.80 -0.01 12.48
CA LYS B 263 34.79 0.81 13.18
C LYS B 263 34.09 1.86 14.05
N PRO B 264 34.60 2.09 15.27
CA PRO B 264 34.04 3.14 16.13
C PRO B 264 34.47 4.53 15.66
N PRO B 265 33.87 5.59 16.22
CA PRO B 265 34.32 6.95 15.89
C PRO B 265 35.68 7.30 16.53
N PRO B 266 36.44 8.22 15.91
CA PRO B 266 37.76 8.58 16.43
C PRO B 266 37.67 9.49 17.68
C1 4TV C . -7.90 24.01 5.03
C3 4TV C . -6.65 22.62 3.36
C4 4TV C . -6.98 21.80 2.32
C5 4TV C . -8.38 21.76 2.26
C7 4TV C . -6.03 21.07 1.42
C8 4TV C . -4.73 21.55 1.21
C11 4TV C . -5.56 19.21 -0.05
C12 4TV C . -6.43 19.89 0.78
C16 4TV C . -1.74 17.67 -2.97
C17 4TV C . -2.10 16.98 -1.83
C19 4TV C . -2.94 17.60 -0.89
C21 4TV C . -4.31 15.83 0.18
C23 4TV C . -3.76 15.30 2.62
C24 4TV C . -5.03 15.87 3.30
C27 4TV C . -3.35 14.18 3.53
O28 4TV C . -2.25 13.66 3.57
C30 4TV C . -3.06 17.48 1.59
N2 4TV C . -7.80 23.09 3.90
N6 4TV C . -8.86 22.53 3.19
C9 4TV C . -3.84 20.87 0.38
C10 4TV C . -4.26 19.69 -0.26
C13 4TV C . -3.36 18.93 -1.15
C14 4TV C . -2.95 19.55 -2.34
N15 4TV C . -2.16 18.91 -3.20
CL1 4TV C . -1.50 15.36 -1.62
N20 4TV C . -3.28 16.88 0.27
C22 4TV C . -4.04 14.74 1.23
C25 4TV C . -5.58 14.61 4.00
N26 4TV C . -4.40 13.80 4.29
C29 4TV C . -2.66 16.37 2.56
C FMT D . 19.46 10.35 0.38
O1 FMT D . 18.82 9.66 1.17
O2 FMT D . 18.94 11.26 -0.26
C FMT E . 11.57 7.77 -3.77
O1 FMT E . 10.37 7.59 -3.95
O2 FMT E . 12.00 8.37 -2.78
#